data_1YYE
#
_entry.id   1YYE
#
_cell.length_a   52.075
_cell.length_b   88.504
_cell.length_c   100.139
_cell.angle_alpha   90.00
_cell.angle_beta   90.00
_cell.angle_gamma   90.00
#
_symmetry.space_group_name_H-M   'P 21 21 21'
#
loop_
_entity.id
_entity.type
_entity.pdbx_description
1 polymer 'Estrogen receptor beta'
2 polymer 'STEROID RECEPTOR COACTIVATOR-1'
3 non-polymer 3-(3-FLUORO-4-HYDROXYPHENYL)-7-HYDROXY-1-NAPHTHONITRILE
4 water water
#
loop_
_entity_poly.entity_id
_entity_poly.type
_entity_poly.pdbx_seq_one_letter_code
_entity_poly.pdbx_strand_id
1 'polypeptide(L)'
;LSPEQLVLTLLEAEPPHVLISRPSAPFTEASMMMSLTKLADKELVHMISWAKKIPGFVELSLFDQVRLLESCWMEVLMMG
LMWRSIDHPGKLIFAPDLVLDRDEGKCVEGILEIFDMLLATTSRFRELKLQHKEYLCVKAMILLNSSMYPLVTATQDADS
SRKLAHLLNAVTDALVWVIAKSGISSQQQSMRLANLLMLLSHVRHASNKGMEHLLNMKCKNVVPVYDLLLEMLNAHVLRG
CKSSITGSECSPAEDSKSKEGSQNPQSQ
;
A,B
2 'polypeptide(L)' SGSHKLVQLLTTT C,D
#
# COMPACT_ATOMS: atom_id res chain seq x y z
N LEU A 1 -6.27 -26.18 -11.89
CA LEU A 1 -4.82 -26.22 -11.57
C LEU A 1 -4.61 -26.12 -10.05
N SER A 2 -3.84 -27.05 -9.50
CA SER A 2 -3.56 -27.05 -8.07
C SER A 2 -2.67 -25.86 -7.72
N PRO A 3 -2.62 -25.47 -6.43
CA PRO A 3 -1.79 -24.35 -6.01
C PRO A 3 -0.32 -24.64 -6.31
N GLU A 4 0.08 -25.89 -6.11
CA GLU A 4 1.46 -26.27 -6.37
C GLU A 4 1.84 -26.03 -7.82
N GLN A 5 0.98 -26.42 -8.75
CA GLN A 5 1.30 -26.23 -10.15
C GLN A 5 1.11 -24.80 -10.62
N LEU A 6 0.34 -24.02 -9.87
CA LEU A 6 0.18 -22.62 -10.25
C LEU A 6 1.52 -21.98 -9.89
N VAL A 7 2.02 -22.28 -8.70
CA VAL A 7 3.31 -21.73 -8.26
C VAL A 7 4.39 -22.14 -9.27
N LEU A 8 4.27 -23.34 -9.82
CA LEU A 8 5.22 -23.82 -10.84
C LEU A 8 5.19 -22.91 -12.04
N THR A 9 4.00 -22.53 -12.48
CA THR A 9 3.95 -21.66 -13.64
C THR A 9 4.55 -20.27 -13.34
N LEU A 10 4.44 -19.82 -12.10
CA LEU A 10 5.02 -18.53 -11.73
C LEU A 10 6.54 -18.69 -11.77
N LEU A 11 7.03 -19.83 -11.28
CA LEU A 11 8.46 -20.09 -11.30
C LEU A 11 8.93 -20.05 -12.75
N GLU A 12 8.15 -20.65 -13.64
CA GLU A 12 8.50 -20.68 -15.06
C GLU A 12 8.38 -19.31 -15.73
N ALA A 13 7.59 -18.42 -15.13
CA ALA A 13 7.42 -17.10 -15.72
C ALA A 13 8.54 -16.13 -15.31
N GLU A 14 9.35 -16.52 -14.34
CA GLU A 14 10.44 -15.68 -13.82
C GLU A 14 11.34 -15.12 -14.91
N PRO A 15 11.61 -13.81 -14.86
CA PRO A 15 12.47 -13.20 -15.88
C PRO A 15 13.91 -13.67 -15.66
N PRO A 16 14.72 -13.62 -16.73
CA PRO A 16 16.11 -14.06 -16.57
C PRO A 16 16.92 -13.06 -15.75
N HIS A 17 18.09 -13.49 -15.29
CA HIS A 17 18.96 -12.60 -14.53
C HIS A 17 19.41 -11.52 -15.50
N VAL A 18 19.30 -10.26 -15.09
CA VAL A 18 19.66 -9.14 -15.94
C VAL A 18 20.93 -8.43 -15.45
N LEU A 19 21.79 -8.06 -16.40
CA LEU A 19 23.02 -7.35 -16.10
C LEU A 19 23.03 -6.08 -16.96
N ILE A 20 23.76 -5.07 -16.52
CA ILE A 20 23.83 -3.82 -17.27
C ILE A 20 25.09 -3.76 -18.14
N SER A 21 25.91 -4.80 -18.06
CA SER A 21 27.14 -4.87 -18.83
C SER A 21 28.03 -3.69 -18.49
N ARG A 22 28.24 -3.46 -17.20
CA ARG A 22 29.06 -2.35 -16.74
C ARG A 22 30.31 -2.83 -16.01
N PRO A 23 31.48 -2.43 -16.51
CA PRO A 23 32.75 -2.82 -15.87
C PRO A 23 32.86 -2.22 -14.48
N SER A 24 33.23 -3.04 -13.51
CA SER A 24 33.37 -2.61 -12.12
C SER A 24 34.12 -1.29 -12.00
N ALA A 25 33.57 -0.39 -11.19
CA ALA A 25 34.15 0.94 -10.97
C ALA A 25 33.31 1.77 -10.03
N PRO A 26 33.93 2.72 -9.32
CA PRO A 26 33.23 3.60 -8.37
C PRO A 26 32.07 4.32 -9.04
N PHE A 27 30.92 4.32 -8.37
CA PHE A 27 29.73 4.97 -8.89
C PHE A 27 29.68 6.45 -8.55
N THR A 28 29.45 7.27 -9.57
CA THR A 28 29.32 8.71 -9.39
C THR A 28 27.83 8.97 -9.58
N GLU A 29 27.36 10.18 -9.28
CA GLU A 29 25.93 10.46 -9.44
C GLU A 29 25.44 10.14 -10.84
N ALA A 30 26.21 10.55 -11.85
CA ALA A 30 25.81 10.31 -13.23
C ALA A 30 25.81 8.83 -13.61
N SER A 31 26.86 8.12 -13.27
CA SER A 31 26.94 6.70 -13.60
C SER A 31 25.89 5.90 -12.85
N MET A 32 25.76 6.13 -11.55
CA MET A 32 24.79 5.40 -10.75
C MET A 32 23.37 5.56 -11.27
N MET A 33 22.96 6.81 -11.50
CA MET A 33 21.61 7.07 -11.97
C MET A 33 21.34 6.58 -13.39
N MET A 34 22.31 6.67 -14.28
CA MET A 34 22.10 6.20 -15.64
C MET A 34 22.03 4.67 -15.63
N SER A 35 22.77 4.05 -14.72
CA SER A 35 22.77 2.59 -14.61
C SER A 35 21.42 2.12 -14.07
N LEU A 36 20.88 2.84 -13.08
CA LEU A 36 19.59 2.48 -12.49
C LEU A 36 18.47 2.60 -13.52
N THR A 37 18.51 3.67 -14.31
CA THR A 37 17.48 3.88 -15.32
C THR A 37 17.62 2.85 -16.44
N LYS A 38 18.85 2.62 -16.86
CA LYS A 38 19.12 1.65 -17.92
C LYS A 38 18.67 0.25 -17.50
N LEU A 39 18.89 -0.09 -16.22
CA LEU A 39 18.51 -1.41 -15.70
C LEU A 39 16.99 -1.53 -15.67
N ALA A 40 16.33 -0.49 -15.14
CA ALA A 40 14.88 -0.49 -15.05
C ALA A 40 14.23 -0.66 -16.43
N ASP A 41 14.80 -0.06 -17.47
CA ASP A 41 14.25 -0.19 -18.81
C ASP A 41 14.36 -1.63 -19.27
N LYS A 42 15.54 -2.23 -19.07
CA LYS A 42 15.75 -3.62 -19.45
C LYS A 42 14.80 -4.56 -18.71
N GLU A 43 14.65 -4.35 -17.40
CA GLU A 43 13.77 -5.20 -16.61
C GLU A 43 12.30 -5.07 -17.00
N LEU A 44 11.91 -3.87 -17.46
CA LEU A 44 10.54 -3.63 -17.88
C LEU A 44 10.16 -4.54 -19.04
N VAL A 45 11.08 -4.69 -19.99
CA VAL A 45 10.83 -5.55 -21.14
C VAL A 45 10.58 -6.96 -20.65
N HIS A 46 11.46 -7.44 -19.77
CA HIS A 46 11.32 -8.78 -19.20
C HIS A 46 10.07 -8.90 -18.34
N MET A 47 9.68 -7.80 -17.70
CA MET A 47 8.47 -7.83 -16.86
C MET A 47 7.22 -8.14 -17.67
N ILE A 48 7.11 -7.53 -18.84
CA ILE A 48 5.96 -7.76 -19.70
C ILE A 48 5.87 -9.24 -20.10
N SER A 49 7.01 -9.87 -20.40
CA SER A 49 7.03 -11.28 -20.78
C SER A 49 6.60 -12.16 -19.61
N TRP A 50 7.03 -11.77 -18.42
CA TRP A 50 6.69 -12.47 -17.18
C TRP A 50 5.17 -12.47 -17.00
N ALA A 51 4.58 -11.28 -16.99
CA ALA A 51 3.14 -11.11 -16.83
C ALA A 51 2.33 -11.98 -17.77
N LYS A 52 2.70 -11.98 -19.05
CA LYS A 52 2.02 -12.77 -20.07
C LYS A 52 2.14 -14.27 -19.84
N LYS A 53 3.08 -14.67 -18.98
CA LYS A 53 3.29 -16.09 -18.69
C LYS A 53 2.47 -16.55 -17.50
N ILE A 54 1.83 -15.60 -16.82
CA ILE A 54 0.99 -15.93 -15.68
C ILE A 54 -0.32 -16.43 -16.26
N PRO A 55 -0.72 -17.68 -15.94
CA PRO A 55 -1.96 -18.25 -16.47
C PRO A 55 -3.14 -17.30 -16.46
N GLY A 56 -3.72 -17.08 -17.64
CA GLY A 56 -4.87 -16.22 -17.78
C GLY A 56 -4.65 -14.72 -17.90
N PHE A 57 -3.44 -14.24 -17.65
CA PHE A 57 -3.22 -12.79 -17.75
C PHE A 57 -3.56 -12.27 -19.16
N VAL A 58 -3.10 -12.98 -20.18
CA VAL A 58 -3.36 -12.55 -21.56
C VAL A 58 -4.82 -12.73 -21.95
N GLU A 59 -5.62 -13.32 -21.07
CA GLU A 59 -7.04 -13.52 -21.32
C GLU A 59 -7.79 -12.28 -20.88
N LEU A 60 -7.13 -11.42 -20.13
CA LEU A 60 -7.75 -10.20 -19.67
C LEU A 60 -7.84 -9.24 -20.86
N SER A 61 -8.71 -8.25 -20.78
CA SER A 61 -8.82 -7.29 -21.86
C SER A 61 -7.47 -6.60 -21.96
N LEU A 62 -7.09 -6.18 -23.15
CA LEU A 62 -5.82 -5.51 -23.35
C LEU A 62 -5.78 -4.29 -22.42
N PHE A 63 -6.93 -3.63 -22.27
CA PHE A 63 -7.03 -2.47 -21.41
C PHE A 63 -6.61 -2.81 -19.98
N ASP A 64 -7.09 -3.95 -19.48
CA ASP A 64 -6.75 -4.36 -18.11
C ASP A 64 -5.27 -4.71 -18.01
N GLN A 65 -4.77 -5.52 -18.94
CA GLN A 65 -3.37 -5.92 -18.95
C GLN A 65 -2.49 -4.66 -18.88
N VAL A 66 -2.82 -3.66 -19.69
CA VAL A 66 -2.09 -2.39 -19.71
C VAL A 66 -2.20 -1.62 -18.40
N ARG A 67 -3.41 -1.39 -17.90
CA ARG A 67 -3.56 -0.64 -16.65
C ARG A 67 -2.83 -1.29 -15.47
N LEU A 68 -2.87 -2.62 -15.37
CA LEU A 68 -2.21 -3.31 -14.27
C LEU A 68 -0.69 -3.10 -14.28
N LEU A 69 -0.09 -3.29 -15.45
CA LEU A 69 1.35 -3.12 -15.58
C LEU A 69 1.77 -1.66 -15.40
N GLU A 70 0.96 -0.73 -15.90
CA GLU A 70 1.30 0.68 -15.76
C GLU A 70 1.29 1.15 -14.31
N SER A 71 0.40 0.58 -13.50
CA SER A 71 0.33 0.99 -12.11
C SER A 71 1.34 0.33 -11.17
N CYS A 72 1.62 -0.95 -11.39
CA CYS A 72 2.51 -1.69 -10.49
C CYS A 72 3.99 -1.84 -10.84
N TRP A 73 4.38 -1.50 -12.06
CA TRP A 73 5.76 -1.77 -12.47
C TRP A 73 6.89 -1.43 -11.51
N MET A 74 6.90 -0.26 -10.89
CA MET A 74 8.01 0.02 -9.99
C MET A 74 7.92 -0.86 -8.74
N GLU A 75 6.71 -1.17 -8.28
CA GLU A 75 6.56 -2.04 -7.10
C GLU A 75 7.10 -3.44 -7.40
N VAL A 76 6.83 -3.93 -8.61
CA VAL A 76 7.31 -5.24 -9.02
C VAL A 76 8.83 -5.27 -9.13
N LEU A 77 9.41 -4.20 -9.66
CA LEU A 77 10.86 -4.13 -9.76
C LEU A 77 11.49 -4.15 -8.36
N MET A 78 10.95 -3.35 -7.46
CA MET A 78 11.50 -3.32 -6.11
C MET A 78 11.28 -4.59 -5.30
N MET A 79 10.23 -5.35 -5.61
CA MET A 79 9.99 -6.60 -4.89
C MET A 79 11.08 -7.58 -5.36
N GLY A 80 11.42 -7.50 -6.64
CA GLY A 80 12.47 -8.36 -7.17
C GLY A 80 13.79 -7.97 -6.53
N LEU A 81 14.04 -6.66 -6.48
CA LEU A 81 15.26 -6.14 -5.88
C LEU A 81 15.44 -6.65 -4.43
N MET A 82 14.34 -6.72 -3.68
CA MET A 82 14.45 -7.17 -2.29
C MET A 82 14.76 -8.66 -2.19
N TRP A 83 14.18 -9.46 -3.08
CA TRP A 83 14.44 -10.89 -3.07
C TRP A 83 15.92 -11.11 -3.37
N ARG A 84 16.42 -10.43 -4.38
CA ARG A 84 17.82 -10.56 -4.77
C ARG A 84 18.76 -10.10 -3.66
N SER A 85 18.33 -9.11 -2.90
CA SER A 85 19.17 -8.57 -1.83
C SER A 85 18.99 -9.29 -0.47
N ILE A 86 18.02 -10.19 -0.42
CA ILE A 86 17.72 -10.90 0.83
C ILE A 86 18.95 -11.51 1.54
N ASP A 87 19.79 -12.22 0.80
CA ASP A 87 20.97 -12.85 1.41
C ASP A 87 22.19 -11.95 1.49
N HIS A 88 22.03 -10.66 1.21
CA HIS A 88 23.18 -9.75 1.25
C HIS A 88 22.91 -8.55 2.14
N PRO A 89 22.91 -8.76 3.47
CA PRO A 89 22.64 -7.66 4.38
C PRO A 89 23.49 -6.41 4.11
N GLY A 90 22.85 -5.25 4.21
CA GLY A 90 23.54 -3.98 3.98
C GLY A 90 23.69 -3.58 2.53
N LYS A 91 23.25 -4.42 1.60
CA LYS A 91 23.40 -4.11 0.19
C LYS A 91 22.11 -4.24 -0.60
N LEU A 92 22.07 -3.53 -1.72
CA LEU A 92 20.92 -3.57 -2.62
C LEU A 92 21.46 -4.15 -3.92
N ILE A 93 21.06 -5.39 -4.21
CA ILE A 93 21.51 -6.08 -5.41
C ILE A 93 20.61 -5.77 -6.58
N PHE A 94 20.84 -4.63 -7.24
CA PHE A 94 20.03 -4.27 -8.39
C PHE A 94 20.33 -5.25 -9.51
N ALA A 95 21.60 -5.62 -9.59
CA ALA A 95 22.09 -6.57 -10.58
C ALA A 95 23.49 -6.99 -10.13
N PRO A 96 24.00 -8.09 -10.69
CA PRO A 96 25.35 -8.55 -10.32
C PRO A 96 26.39 -7.45 -10.49
N ASP A 97 26.25 -6.65 -11.55
CA ASP A 97 27.16 -5.53 -11.81
C ASP A 97 26.59 -4.19 -11.39
N LEU A 98 25.61 -4.21 -10.49
CA LEU A 98 25.00 -2.98 -9.96
C LEU A 98 24.61 -3.19 -8.50
N VAL A 99 25.63 -3.34 -7.66
CA VAL A 99 25.44 -3.54 -6.23
C VAL A 99 25.73 -2.23 -5.51
N LEU A 100 24.71 -1.69 -4.84
CA LEU A 100 24.84 -0.41 -4.17
C LEU A 100 24.74 -0.47 -2.65
N ASP A 101 25.50 0.42 -2.01
CA ASP A 101 25.54 0.52 -0.55
C ASP A 101 24.80 1.79 -0.11
N ARG A 102 24.50 1.88 1.17
CA ARG A 102 23.79 3.04 1.72
C ARG A 102 24.54 4.35 1.50
N ASP A 103 25.84 4.32 1.77
CA ASP A 103 26.68 5.51 1.63
C ASP A 103 26.87 5.95 0.18
N GLU A 104 26.53 5.08 -0.76
CA GLU A 104 26.67 5.41 -2.16
C GLU A 104 25.45 6.15 -2.66
N GLY A 105 24.32 5.95 -1.99
CA GLY A 105 23.10 6.63 -2.37
C GLY A 105 23.09 8.07 -1.90
N LYS A 106 24.14 8.45 -1.17
CA LYS A 106 24.26 9.79 -0.64
C LYS A 106 24.70 10.82 -1.67
N CYS A 107 25.37 10.37 -2.73
CA CYS A 107 25.82 11.31 -3.75
C CYS A 107 24.67 11.76 -4.65
N VAL A 108 23.48 11.26 -4.38
CA VAL A 108 22.31 11.65 -5.15
C VAL A 108 21.18 12.02 -4.21
N GLU A 109 20.82 13.31 -4.24
CA GLU A 109 19.78 13.85 -3.39
C GLU A 109 18.45 13.11 -3.47
N GLY A 110 17.92 12.78 -2.29
CA GLY A 110 16.65 12.08 -2.22
C GLY A 110 16.75 10.57 -2.35
N ILE A 111 17.90 10.07 -2.77
CA ILE A 111 18.10 8.64 -2.94
C ILE A 111 18.33 7.89 -1.64
N LEU A 112 19.21 8.41 -0.80
CA LEU A 112 19.52 7.77 0.48
C LEU A 112 18.26 7.35 1.21
N GLU A 113 17.30 8.26 1.26
CA GLU A 113 16.03 8.04 1.90
C GLU A 113 15.40 6.78 1.34
N ILE A 114 15.34 6.73 0.03
CA ILE A 114 14.72 5.60 -0.60
C ILE A 114 15.49 4.31 -0.28
N PHE A 115 16.82 4.32 -0.48
CA PHE A 115 17.67 3.12 -0.17
C PHE A 115 17.48 2.59 1.27
N ASP A 116 17.40 3.51 2.23
CA ASP A 116 17.19 3.16 3.62
C ASP A 116 15.87 2.39 3.74
N MET A 117 14.85 2.84 3.02
CA MET A 117 13.54 2.18 3.01
C MET A 117 13.66 0.78 2.43
N LEU A 118 14.29 0.69 1.25
CA LEU A 118 14.49 -0.58 0.57
C LEU A 118 15.27 -1.57 1.43
N LEU A 119 16.33 -1.06 2.07
CA LEU A 119 17.16 -1.89 2.94
C LEU A 119 16.40 -2.39 4.17
N ALA A 120 15.62 -1.50 4.78
CA ALA A 120 14.86 -1.85 5.97
C ALA A 120 13.80 -2.91 5.67
N THR A 121 13.10 -2.75 4.56
CA THR A 121 12.07 -3.69 4.18
C THR A 121 12.67 -5.04 3.80
N THR A 122 13.85 -4.99 3.18
CA THR A 122 14.55 -6.19 2.78
C THR A 122 14.88 -6.91 4.08
N SER A 123 15.34 -6.14 5.07
CA SER A 123 15.70 -6.70 6.37
C SER A 123 14.50 -7.41 7.01
N ARG A 124 13.31 -6.86 6.81
CA ARG A 124 12.12 -7.49 7.38
C ARG A 124 11.88 -8.85 6.72
N PHE A 125 11.90 -8.90 5.39
CA PHE A 125 11.69 -10.18 4.70
C PHE A 125 12.77 -11.16 5.15
N ARG A 126 13.98 -10.64 5.38
CA ARG A 126 15.10 -11.48 5.84
C ARG A 126 14.73 -12.12 7.18
N GLU A 127 14.27 -11.30 8.12
CA GLU A 127 13.86 -11.79 9.44
C GLU A 127 12.83 -12.90 9.32
N LEU A 128 11.81 -12.66 8.51
CA LEU A 128 10.75 -13.64 8.31
C LEU A 128 11.25 -14.83 7.48
N LYS A 129 12.46 -14.72 6.95
CA LYS A 129 13.04 -15.77 6.13
C LYS A 129 12.15 -16.07 4.93
N LEU A 130 11.81 -15.02 4.19
CA LEU A 130 10.98 -15.14 2.99
C LEU A 130 11.47 -16.27 2.10
N GLN A 131 10.56 -17.15 1.69
CA GLN A 131 10.92 -18.27 0.83
C GLN A 131 10.71 -17.89 -0.64
N HIS A 132 11.43 -18.56 -1.55
CA HIS A 132 11.32 -18.26 -2.97
C HIS A 132 9.89 -18.36 -3.50
N LYS A 133 9.18 -19.42 -3.13
CA LYS A 133 7.81 -19.59 -3.60
C LYS A 133 6.89 -18.49 -3.06
N GLU A 134 7.20 -17.99 -1.86
CA GLU A 134 6.40 -16.93 -1.27
C GLU A 134 6.64 -15.66 -2.09
N TYR A 135 7.90 -15.40 -2.43
CA TYR A 135 8.24 -14.25 -3.24
C TYR A 135 7.47 -14.33 -4.56
N LEU A 136 7.44 -15.52 -5.15
CA LEU A 136 6.75 -15.70 -6.42
C LEU A 136 5.28 -15.33 -6.35
N CYS A 137 4.59 -15.79 -5.32
CA CYS A 137 3.17 -15.50 -5.18
C CYS A 137 2.95 -14.01 -4.90
N VAL A 138 3.71 -13.46 -3.97
CA VAL A 138 3.56 -12.05 -3.62
C VAL A 138 3.80 -11.15 -4.85
N LYS A 139 4.85 -11.44 -5.61
CA LYS A 139 5.14 -10.64 -6.79
C LYS A 139 3.96 -10.64 -7.74
N ALA A 140 3.36 -11.81 -7.95
CA ALA A 140 2.21 -11.94 -8.84
C ALA A 140 1.00 -11.21 -8.28
N MET A 141 0.87 -11.21 -6.96
CA MET A 141 -0.26 -10.55 -6.31
C MET A 141 -0.15 -9.03 -6.45
N ILE A 142 1.07 -8.52 -6.36
CA ILE A 142 1.30 -7.08 -6.50
C ILE A 142 0.74 -6.63 -7.85
N LEU A 143 1.00 -7.42 -8.88
CA LEU A 143 0.49 -7.13 -10.22
C LEU A 143 -1.03 -7.20 -10.28
N LEU A 144 -1.57 -8.36 -9.90
CA LEU A 144 -2.99 -8.58 -9.96
C LEU A 144 -3.85 -7.76 -9.00
N ASN A 145 -3.27 -7.26 -7.92
CA ASN A 145 -4.04 -6.47 -6.95
C ASN A 145 -3.92 -4.96 -7.16
N SER A 146 -3.28 -4.54 -8.25
CA SER A 146 -3.10 -3.11 -8.52
C SER A 146 -4.28 -2.50 -9.31
N SER A 147 -5.47 -3.07 -9.12
CA SER A 147 -6.64 -2.58 -9.86
C SER A 147 -7.33 -1.35 -9.26
N MET A 148 -6.61 -0.24 -9.16
CA MET A 148 -7.19 0.98 -8.62
C MET A 148 -8.25 1.53 -9.57
N ASP A 159 -16.99 -10.95 -18.90
CA ASP A 159 -16.40 -9.92 -18.07
C ASP A 159 -14.88 -10.08 -17.97
N SER A 160 -14.18 -8.97 -17.80
CA SER A 160 -12.72 -9.01 -17.72
C SER A 160 -12.31 -8.99 -16.28
N SER A 161 -13.16 -8.27 -15.56
CA SER A 161 -13.09 -7.99 -14.15
C SER A 161 -13.22 -9.24 -13.29
N ARG A 162 -14.05 -10.18 -13.73
CA ARG A 162 -14.23 -11.42 -12.98
C ARG A 162 -13.03 -12.32 -13.19
N LYS A 163 -12.53 -12.34 -14.43
CA LYS A 163 -11.37 -13.15 -14.76
C LYS A 163 -10.24 -12.71 -13.83
N LEU A 164 -10.07 -11.40 -13.70
CA LEU A 164 -9.01 -10.86 -12.83
C LEU A 164 -9.22 -11.34 -11.40
N ALA A 165 -10.42 -11.13 -10.89
CA ALA A 165 -10.75 -11.54 -9.52
C ALA A 165 -10.43 -13.03 -9.35
N HIS A 166 -10.78 -13.84 -10.34
CA HIS A 166 -10.52 -15.28 -10.30
C HIS A 166 -9.03 -15.54 -10.21
N LEU A 167 -8.27 -14.83 -11.04
CA LEU A 167 -6.83 -14.97 -11.10
C LEU A 167 -6.17 -14.56 -9.78
N LEU A 168 -6.55 -13.40 -9.26
CA LEU A 168 -5.99 -12.94 -8.00
C LEU A 168 -6.30 -13.95 -6.89
N ASN A 169 -7.52 -14.47 -6.87
CA ASN A 169 -7.88 -15.46 -5.85
C ASN A 169 -7.03 -16.71 -6.05
N ALA A 170 -6.78 -17.09 -7.30
CA ALA A 170 -5.96 -18.26 -7.58
C ALA A 170 -4.56 -18.05 -7.00
N VAL A 171 -3.96 -16.89 -7.24
CA VAL A 171 -2.62 -16.63 -6.70
C VAL A 171 -2.64 -16.56 -5.17
N THR A 172 -3.70 -15.98 -4.61
CA THR A 172 -3.83 -15.87 -3.15
C THR A 172 -3.89 -17.28 -2.55
N ASP A 173 -4.70 -18.14 -3.15
CA ASP A 173 -4.83 -19.52 -2.72
C ASP A 173 -3.47 -20.22 -2.80
N ALA A 174 -2.66 -19.84 -3.78
CA ALA A 174 -1.33 -20.42 -3.93
C ALA A 174 -0.43 -20.02 -2.75
N LEU A 175 -0.45 -18.74 -2.38
CA LEU A 175 0.39 -18.28 -1.27
C LEU A 175 0.02 -18.99 0.03
N VAL A 176 -1.28 -19.19 0.26
CA VAL A 176 -1.76 -19.85 1.45
C VAL A 176 -1.23 -21.28 1.46
N TRP A 177 -1.22 -21.92 0.29
CA TRP A 177 -0.71 -23.27 0.17
C TRP A 177 0.78 -23.32 0.53
N VAL A 178 1.56 -22.43 -0.09
CA VAL A 178 3.00 -22.40 0.22
C VAL A 178 3.26 -22.37 1.72
N ILE A 179 2.58 -21.45 2.41
CA ILE A 179 2.74 -21.31 3.85
C ILE A 179 2.33 -22.59 4.58
N ALA A 180 1.24 -23.20 4.14
CA ALA A 180 0.74 -24.43 4.74
C ALA A 180 1.77 -25.56 4.65
N LYS A 181 2.54 -25.57 3.56
CA LYS A 181 3.57 -26.58 3.34
C LYS A 181 4.74 -26.46 4.28
N SER A 182 4.97 -25.25 4.80
CA SER A 182 6.09 -25.04 5.71
C SER A 182 5.90 -25.91 6.97
N GLY A 183 4.68 -26.38 7.16
CA GLY A 183 4.38 -27.23 8.31
C GLY A 183 4.19 -26.56 9.66
N ILE A 184 4.30 -25.23 9.71
CA ILE A 184 4.14 -24.53 10.99
C ILE A 184 2.69 -24.59 11.47
N SER A 185 2.48 -24.28 12.75
CA SER A 185 1.14 -24.32 13.32
C SER A 185 0.18 -23.42 12.56
N SER A 186 -1.10 -23.78 12.60
CA SER A 186 -2.15 -23.04 11.93
C SER A 186 -2.15 -21.55 12.33
N GLN A 187 -1.96 -21.29 13.62
CA GLN A 187 -1.94 -19.92 14.12
C GLN A 187 -0.73 -19.17 13.56
N GLN A 188 0.40 -19.88 13.44
CA GLN A 188 1.59 -19.25 12.90
C GLN A 188 1.49 -19.05 11.41
N GLN A 189 0.63 -19.82 10.77
CA GLN A 189 0.42 -19.72 9.32
C GLN A 189 -0.37 -18.44 9.03
N SER A 190 -1.39 -18.20 9.84
CA SER A 190 -2.22 -17.02 9.69
C SER A 190 -1.36 -15.79 9.96
N MET A 191 -0.56 -15.88 11.03
CA MET A 191 0.32 -14.79 11.41
C MET A 191 1.34 -14.49 10.31
N ARG A 192 1.94 -15.52 9.73
CA ARG A 192 2.91 -15.32 8.66
C ARG A 192 2.25 -14.71 7.43
N LEU A 193 1.08 -15.22 7.08
CA LEU A 193 0.34 -14.72 5.93
C LEU A 193 0.09 -13.22 6.09
N ALA A 194 -0.33 -12.82 7.28
CA ALA A 194 -0.60 -11.42 7.56
C ALA A 194 0.66 -10.56 7.51
N ASN A 195 1.75 -11.04 8.09
CA ASN A 195 2.97 -10.27 8.08
C ASN A 195 3.56 -10.06 6.70
N LEU A 196 3.45 -11.09 5.85
CA LEU A 196 3.94 -10.99 4.50
C LEU A 196 3.08 -9.97 3.75
N LEU A 197 1.76 -10.11 3.85
CA LEU A 197 0.90 -9.17 3.14
C LEU A 197 1.09 -7.73 3.63
N MET A 198 1.29 -7.56 4.93
CA MET A 198 1.47 -6.21 5.43
C MET A 198 2.78 -5.55 5.01
N LEU A 199 3.78 -6.35 4.67
CA LEU A 199 5.04 -5.77 4.22
C LEU A 199 4.89 -5.17 2.83
N LEU A 200 3.85 -5.62 2.10
CA LEU A 200 3.64 -5.10 0.76
C LEU A 200 3.34 -3.60 0.76
N SER A 201 2.79 -3.11 1.86
CA SER A 201 2.47 -1.68 1.98
C SER A 201 3.78 -0.90 2.01
N HIS A 202 4.79 -1.51 2.61
CA HIS A 202 6.10 -0.89 2.71
C HIS A 202 6.80 -0.89 1.35
N VAL A 203 6.57 -1.95 0.57
CA VAL A 203 7.14 -2.05 -0.77
C VAL A 203 6.49 -0.97 -1.63
N ARG A 204 5.16 -0.89 -1.55
CA ARG A 204 4.39 0.09 -2.30
C ARG A 204 4.83 1.51 -1.96
N HIS A 205 5.12 1.74 -0.69
CA HIS A 205 5.55 3.06 -0.24
C HIS A 205 6.90 3.46 -0.88
N ALA A 206 7.86 2.54 -0.83
CA ALA A 206 9.19 2.79 -1.39
C ALA A 206 9.05 2.97 -2.89
N SER A 207 8.04 2.30 -3.46
CA SER A 207 7.77 2.36 -4.89
C SER A 207 7.30 3.74 -5.30
N ASN A 208 6.36 4.27 -4.53
CA ASN A 208 5.82 5.61 -4.79
C ASN A 208 6.95 6.62 -4.70
N LYS A 209 7.81 6.50 -3.69
CA LYS A 209 8.92 7.43 -3.55
C LYS A 209 9.89 7.25 -4.71
N GLY A 210 10.09 6.00 -5.12
CA GLY A 210 11.01 5.72 -6.21
C GLY A 210 10.56 6.38 -7.51
N MET A 211 9.26 6.31 -7.77
CA MET A 211 8.68 6.89 -8.98
C MET A 211 8.77 8.41 -8.98
N GLU A 212 8.51 9.00 -7.83
CA GLU A 212 8.57 10.44 -7.68
C GLU A 212 10.00 10.89 -7.97
N HIS A 213 10.97 10.10 -7.52
CA HIS A 213 12.37 10.44 -7.74
C HIS A 213 12.70 10.34 -9.23
N LEU A 214 12.26 9.25 -9.87
CA LEU A 214 12.51 9.06 -11.28
C LEU A 214 11.85 10.19 -12.09
N LEU A 215 10.61 10.52 -11.76
CA LEU A 215 9.89 11.57 -12.46
C LEU A 215 10.65 12.89 -12.43
N ASN A 216 11.22 13.22 -11.27
CA ASN A 216 11.96 14.46 -11.14
C ASN A 216 13.20 14.40 -12.01
N MET A 217 13.93 13.29 -11.97
CA MET A 217 15.12 13.14 -12.78
C MET A 217 14.78 13.28 -14.26
N LYS A 218 13.68 12.66 -14.68
CA LYS A 218 13.23 12.71 -16.06
C LYS A 218 12.96 14.17 -16.46
N CYS A 219 12.21 14.88 -15.62
CA CYS A 219 11.87 16.27 -15.89
C CYS A 219 13.10 17.16 -16.00
N LYS A 220 14.17 16.77 -15.32
CA LYS A 220 15.40 17.56 -15.34
C LYS A 220 16.37 17.08 -16.42
N ASN A 221 15.98 16.03 -17.14
CA ASN A 221 16.80 15.44 -18.20
C ASN A 221 18.21 15.13 -17.73
N VAL A 222 18.30 14.67 -16.50
CA VAL A 222 19.58 14.31 -15.91
C VAL A 222 19.91 12.86 -16.21
N VAL A 223 18.89 12.08 -16.52
CA VAL A 223 19.08 10.67 -16.84
C VAL A 223 18.43 10.36 -18.18
N PRO A 224 19.13 9.60 -19.03
CA PRO A 224 18.57 9.26 -20.34
C PRO A 224 17.38 8.31 -20.14
N VAL A 225 16.18 8.82 -20.39
CA VAL A 225 14.95 8.05 -20.22
C VAL A 225 14.42 7.26 -21.41
N TYR A 226 14.94 6.06 -21.60
CA TYR A 226 14.49 5.16 -22.62
C TYR A 226 12.98 5.08 -22.85
N ASP A 227 12.64 4.92 -24.09
CA ASP A 227 11.32 4.72 -24.58
C ASP A 227 10.25 3.99 -23.72
N LEU A 228 10.59 2.78 -23.41
CA LEU A 228 9.73 1.99 -22.65
C LEU A 228 9.58 2.60 -21.26
N LEU A 229 10.70 2.88 -20.60
CA LEU A 229 10.68 3.46 -19.26
C LEU A 229 9.91 4.78 -19.22
N LEU A 230 10.16 5.61 -20.19
CA LEU A 230 9.47 6.88 -20.30
C LEU A 230 7.96 6.64 -20.42
N GLU A 231 7.59 5.72 -21.30
CA GLU A 231 6.18 5.43 -21.51
C GLU A 231 5.52 4.94 -20.23
N MET A 232 6.14 3.98 -19.58
CA MET A 232 5.60 3.43 -18.34
C MET A 232 5.48 4.51 -17.27
N LEU A 233 6.52 5.36 -17.20
CA LEU A 233 6.56 6.44 -16.24
C LEU A 233 5.42 7.43 -16.44
N ASN A 234 5.35 8.01 -17.64
CA ASN A 234 4.30 8.98 -17.95
C ASN A 234 2.90 8.43 -17.77
N ALA A 235 2.65 7.25 -18.32
CA ALA A 235 1.35 6.62 -18.21
C ALA A 235 0.99 6.44 -16.74
N HIS A 236 1.95 6.01 -15.93
CA HIS A 236 1.69 5.81 -14.51
C HIS A 236 1.38 7.10 -13.77
N VAL A 237 2.19 8.15 -13.96
CA VAL A 237 1.95 9.41 -13.26
C VAL A 237 0.64 10.02 -13.76
N LEU A 238 0.33 9.80 -15.02
CA LEU A 238 -0.90 10.32 -15.62
C LEU A 238 -2.20 9.67 -15.06
N LEU B 1 -2.85 -9.65 27.47
CA LEU B 1 -4.22 -9.29 27.02
C LEU B 1 -4.66 -10.29 25.94
N SER B 2 -5.77 -10.96 26.17
CA SER B 2 -6.27 -11.95 25.20
C SER B 2 -6.80 -11.27 23.94
N PRO B 3 -6.91 -12.05 22.84
CA PRO B 3 -7.42 -11.48 21.58
C PRO B 3 -8.78 -10.82 21.79
N GLU B 4 -9.69 -11.49 22.50
CA GLU B 4 -11.02 -10.93 22.73
C GLU B 4 -10.95 -9.61 23.50
N GLN B 5 -10.11 -9.57 24.53
CA GLN B 5 -9.95 -8.37 25.34
C GLN B 5 -9.43 -7.21 24.51
N LEU B 6 -8.53 -7.53 23.57
CA LEU B 6 -7.96 -6.52 22.70
C LEU B 6 -9.07 -5.95 21.81
N VAL B 7 -9.90 -6.82 21.25
CA VAL B 7 -10.99 -6.37 20.40
C VAL B 7 -11.98 -5.50 21.17
N LEU B 8 -12.32 -5.96 22.37
CA LEU B 8 -13.23 -5.24 23.24
C LEU B 8 -12.65 -3.86 23.55
N THR B 9 -11.35 -3.81 23.78
CA THR B 9 -10.67 -2.54 24.06
C THR B 9 -10.79 -1.63 22.83
N LEU B 10 -10.59 -2.20 21.64
CA LEU B 10 -10.70 -1.41 20.41
C LEU B 10 -12.13 -0.91 20.21
N LEU B 11 -13.09 -1.78 20.49
CA LEU B 11 -14.51 -1.46 20.35
C LEU B 11 -14.86 -0.20 21.15
N GLU B 12 -14.47 -0.20 22.42
CA GLU B 12 -14.74 0.95 23.29
C GLU B 12 -13.97 2.19 22.82
N ALA B 13 -12.74 1.98 22.37
CA ALA B 13 -11.89 3.08 21.90
C ALA B 13 -12.41 3.79 20.64
N GLU B 14 -13.32 3.15 19.92
CA GLU B 14 -13.86 3.75 18.70
C GLU B 14 -14.25 5.19 18.96
N PRO B 15 -13.77 6.11 18.13
CA PRO B 15 -14.15 7.50 18.38
C PRO B 15 -15.63 7.76 18.11
N PRO B 16 -16.23 8.74 18.82
CA PRO B 16 -17.64 9.08 18.62
C PRO B 16 -17.73 9.84 17.29
N HIS B 17 -18.87 9.77 16.61
CA HIS B 17 -19.00 10.46 15.35
C HIS B 17 -18.92 11.98 15.46
N VAL B 18 -18.18 12.58 14.54
CA VAL B 18 -18.02 14.03 14.51
C VAL B 18 -19.21 14.59 13.77
N LEU B 19 -19.90 15.54 14.39
CA LEU B 19 -21.07 16.14 13.78
C LEU B 19 -20.71 17.42 13.05
N ILE B 20 -20.95 17.42 11.75
CA ILE B 20 -20.69 18.59 10.92
C ILE B 20 -21.89 18.77 10.00
N SER B 21 -22.41 19.99 9.98
CA SER B 21 -23.59 20.30 9.17
C SER B 21 -23.30 20.71 7.74
N ARG B 22 -24.08 20.15 6.83
CA ARG B 22 -23.99 20.42 5.40
C ARG B 22 -24.29 21.90 5.16
N PRO B 23 -23.51 22.55 4.29
CA PRO B 23 -23.75 23.97 4.02
C PRO B 23 -25.18 24.23 3.53
N SER B 24 -25.69 25.40 3.87
CA SER B 24 -27.05 25.80 3.50
C SER B 24 -27.32 25.74 2.00
N ALA B 25 -26.45 26.36 1.21
CA ALA B 25 -26.61 26.37 -0.23
C ALA B 25 -25.89 25.20 -0.88
N PRO B 26 -26.13 24.98 -2.18
CA PRO B 26 -25.47 23.88 -2.87
C PRO B 26 -23.95 24.04 -2.77
N PHE B 27 -23.26 22.93 -2.60
CA PHE B 27 -21.80 22.95 -2.49
C PHE B 27 -21.12 23.72 -3.60
N THR B 28 -20.02 24.35 -3.24
CA THR B 28 -19.17 25.07 -4.18
C THR B 28 -17.82 24.49 -3.80
N GLU B 29 -16.84 24.60 -4.69
CA GLU B 29 -15.51 24.06 -4.41
C GLU B 29 -15.07 24.50 -3.01
N ALA B 30 -15.28 25.77 -2.70
CA ALA B 30 -14.90 26.33 -1.40
C ALA B 30 -15.65 25.72 -0.23
N SER B 31 -16.98 25.76 -0.28
CA SER B 31 -17.80 25.22 0.81
C SER B 31 -17.55 23.74 1.08
N MET B 32 -17.39 22.94 0.02
CA MET B 32 -17.15 21.53 0.23
C MET B 32 -15.76 21.32 0.83
N MET B 33 -14.78 22.07 0.35
CA MET B 33 -13.42 21.96 0.90
C MET B 33 -13.38 22.44 2.34
N MET B 34 -14.19 23.44 2.64
CA MET B 34 -14.27 23.99 3.98
C MET B 34 -14.81 22.88 4.87
N SER B 35 -15.81 22.19 4.35
CA SER B 35 -16.47 21.10 5.07
C SER B 35 -15.58 19.89 5.35
N LEU B 36 -14.83 19.45 4.34
CA LEU B 36 -13.97 18.29 4.53
C LEU B 36 -12.73 18.60 5.36
N THR B 37 -12.22 19.83 5.28
CA THR B 37 -11.04 20.18 6.06
C THR B 37 -11.42 20.33 7.54
N LYS B 38 -12.54 21.00 7.81
CA LYS B 38 -12.97 21.17 9.18
C LYS B 38 -13.26 19.82 9.81
N LEU B 39 -13.92 18.94 9.06
CA LEU B 39 -14.23 17.61 9.56
C LEU B 39 -12.95 16.81 9.85
N ALA B 40 -12.05 16.76 8.88
CA ALA B 40 -10.78 16.06 9.03
C ALA B 40 -10.07 16.53 10.29
N ASP B 41 -10.03 17.84 10.47
CA ASP B 41 -9.37 18.39 11.64
C ASP B 41 -9.99 17.86 12.94
N LYS B 42 -11.32 17.88 13.00
CA LYS B 42 -12.05 17.38 14.18
C LYS B 42 -11.80 15.89 14.43
N GLU B 43 -11.84 15.10 13.36
CA GLU B 43 -11.61 13.67 13.51
C GLU B 43 -10.18 13.40 13.94
N LEU B 44 -9.24 14.18 13.42
CA LEU B 44 -7.83 13.99 13.80
C LEU B 44 -7.66 14.05 15.32
N VAL B 45 -8.30 15.03 15.96
CA VAL B 45 -8.21 15.17 17.40
C VAL B 45 -8.68 13.87 18.04
N HIS B 46 -9.82 13.37 17.58
CA HIS B 46 -10.39 12.14 18.11
C HIS B 46 -9.51 10.93 17.80
N MET B 47 -8.82 10.97 16.65
CA MET B 47 -7.94 9.87 16.27
C MET B 47 -6.78 9.75 17.25
N ILE B 48 -6.25 10.88 17.67
CA ILE B 48 -5.12 10.86 18.61
C ILE B 48 -5.55 10.17 19.88
N SER B 49 -6.75 10.49 20.36
CA SER B 49 -7.30 9.89 21.57
C SER B 49 -7.46 8.38 21.38
N TRP B 50 -7.93 7.99 20.20
CA TRP B 50 -8.12 6.57 19.86
C TRP B 50 -6.78 5.82 19.88
N ALA B 51 -5.75 6.45 19.33
CA ALA B 51 -4.42 5.87 19.29
C ALA B 51 -3.92 5.54 20.68
N LYS B 52 -4.04 6.48 21.60
CA LYS B 52 -3.58 6.27 22.96
C LYS B 52 -4.30 5.10 23.63
N LYS B 53 -5.43 4.67 23.07
CA LYS B 53 -6.18 3.56 23.64
C LYS B 53 -5.79 2.20 23.08
N ILE B 54 -4.99 2.20 22.02
CA ILE B 54 -4.52 0.95 21.45
C ILE B 54 -3.47 0.44 22.42
N PRO B 55 -3.70 -0.75 22.99
CA PRO B 55 -2.78 -1.37 23.94
C PRO B 55 -1.32 -1.33 23.53
N GLY B 56 -0.48 -0.71 24.35
CA GLY B 56 0.93 -0.64 24.05
C GLY B 56 1.38 0.57 23.25
N PHE B 57 0.43 1.27 22.61
CA PHE B 57 0.81 2.43 21.81
C PHE B 57 1.55 3.51 22.60
N VAL B 58 1.01 3.87 23.76
CA VAL B 58 1.61 4.91 24.58
C VAL B 58 2.94 4.49 25.21
N GLU B 59 3.30 3.22 25.01
CA GLU B 59 4.55 2.69 25.54
C GLU B 59 5.67 2.93 24.54
N LEU B 60 5.28 3.21 23.30
CA LEU B 60 6.26 3.46 22.24
C LEU B 60 6.89 4.83 22.45
N SER B 61 8.05 5.06 21.84
CA SER B 61 8.71 6.34 21.98
C SER B 61 7.82 7.42 21.35
N LEU B 62 7.78 8.60 21.97
CA LEU B 62 6.95 9.68 21.44
C LEU B 62 7.21 9.90 19.96
N PHE B 63 8.47 9.81 19.57
CA PHE B 63 8.85 10.03 18.18
C PHE B 63 8.27 8.97 17.24
N ASP B 64 8.09 7.76 17.76
CA ASP B 64 7.50 6.70 16.96
C ASP B 64 5.99 6.93 16.88
N GLN B 65 5.38 7.38 17.97
CA GLN B 65 3.95 7.65 17.98
C GLN B 65 3.66 8.73 16.94
N VAL B 66 4.44 9.80 16.96
CA VAL B 66 4.27 10.89 16.01
C VAL B 66 4.46 10.39 14.58
N ARG B 67 5.55 9.67 14.37
CA ARG B 67 5.89 9.12 13.08
C ARG B 67 4.74 8.27 12.51
N LEU B 68 4.19 7.37 13.32
CA LEU B 68 3.11 6.50 12.87
C LEU B 68 1.86 7.28 12.47
N LEU B 69 1.41 8.17 13.34
CA LEU B 69 0.24 8.98 13.06
C LEU B 69 0.40 9.90 11.83
N GLU B 70 1.55 10.55 11.72
CA GLU B 70 1.81 11.44 10.58
C GLU B 70 1.77 10.65 9.28
N SER B 71 2.15 9.38 9.39
CA SER B 71 2.22 8.50 8.25
C SER B 71 0.92 7.88 7.72
N CYS B 72 -0.04 7.64 8.60
CA CYS B 72 -1.28 6.99 8.15
C CYS B 72 -2.58 7.70 8.49
N TRP B 73 -2.52 8.93 9.00
CA TRP B 73 -3.77 9.57 9.39
C TRP B 73 -4.88 9.62 8.34
N MET B 74 -4.55 9.95 7.09
CA MET B 74 -5.58 10.01 6.07
C MET B 74 -6.11 8.60 5.74
N GLU B 75 -5.24 7.61 5.86
CA GLU B 75 -5.61 6.21 5.61
C GLU B 75 -6.61 5.78 6.67
N VAL B 76 -6.34 6.18 7.91
CA VAL B 76 -7.23 5.84 9.01
C VAL B 76 -8.57 6.53 8.82
N LEU B 77 -8.56 7.81 8.44
CA LEU B 77 -9.78 8.55 8.19
C LEU B 77 -10.63 7.88 7.11
N MET B 78 -9.99 7.51 6.00
CA MET B 78 -10.74 6.89 4.90
C MET B 78 -11.24 5.49 5.22
N MET B 79 -10.50 4.76 6.05
CA MET B 79 -10.94 3.42 6.45
C MET B 79 -12.25 3.60 7.23
N GLY B 80 -12.26 4.55 8.17
CA GLY B 80 -13.46 4.80 8.95
C GLY B 80 -14.60 5.27 8.06
N LEU B 81 -14.27 6.16 7.13
CA LEU B 81 -15.24 6.71 6.20
C LEU B 81 -15.93 5.60 5.39
N MET B 82 -15.13 4.67 4.87
CA MET B 82 -15.67 3.57 4.10
C MET B 82 -16.54 2.67 4.99
N TRP B 83 -16.13 2.48 6.23
CA TRP B 83 -16.92 1.68 7.14
C TRP B 83 -18.24 2.37 7.41
N ARG B 84 -18.22 3.70 7.53
CA ARG B 84 -19.44 4.45 7.77
C ARG B 84 -20.35 4.42 6.55
N SER B 85 -19.76 4.21 5.38
CA SER B 85 -20.53 4.18 4.14
C SER B 85 -20.86 2.76 3.69
N ILE B 86 -20.46 1.78 4.49
CA ILE B 86 -20.68 0.38 4.18
C ILE B 86 -22.15 0.00 3.96
N ASP B 87 -23.06 0.65 4.67
CA ASP B 87 -24.48 0.35 4.51
C ASP B 87 -25.23 1.46 3.77
N HIS B 88 -24.53 2.13 2.86
CA HIS B 88 -25.12 3.22 2.08
C HIS B 88 -24.52 3.22 0.68
N PRO B 89 -24.79 2.17 -0.11
CA PRO B 89 -24.24 2.12 -1.47
C PRO B 89 -24.49 3.40 -2.27
N GLY B 90 -23.50 3.79 -3.06
CA GLY B 90 -23.60 5.00 -3.85
C GLY B 90 -23.39 6.28 -3.04
N LYS B 91 -23.28 6.12 -1.72
CA LYS B 91 -23.09 7.27 -0.84
C LYS B 91 -21.81 7.20 0.00
N LEU B 92 -21.27 8.38 0.32
CA LEU B 92 -20.08 8.49 1.17
C LEU B 92 -20.53 9.25 2.40
N ILE B 93 -20.58 8.55 3.53
CA ILE B 93 -21.02 9.15 4.77
C ILE B 93 -19.88 9.77 5.56
N PHE B 94 -19.52 11.00 5.21
CA PHE B 94 -18.44 11.70 5.90
C PHE B 94 -18.87 12.01 7.33
N ALA B 95 -20.16 12.31 7.49
CA ALA B 95 -20.73 12.60 8.80
C ALA B 95 -22.23 12.41 8.71
N PRO B 96 -22.90 12.21 9.85
CA PRO B 96 -24.35 12.01 9.84
C PRO B 96 -25.07 13.01 8.94
N ASP B 97 -24.79 14.31 9.10
CA ASP B 97 -25.45 15.32 8.29
C ASP B 97 -24.66 15.72 7.04
N LEU B 98 -23.59 14.99 6.73
CA LEU B 98 -22.79 15.30 5.55
C LEU B 98 -22.65 14.04 4.71
N VAL B 99 -23.73 13.72 4.00
CA VAL B 99 -23.77 12.55 3.13
C VAL B 99 -23.54 13.02 1.70
N LEU B 100 -22.32 12.80 1.20
CA LEU B 100 -21.97 13.23 -0.14
C LEU B 100 -22.25 12.20 -1.20
N ASP B 101 -22.79 12.68 -2.32
CA ASP B 101 -23.11 11.83 -3.44
C ASP B 101 -21.94 11.84 -4.43
N ARG B 102 -21.80 10.78 -5.19
CA ARG B 102 -20.72 10.66 -6.17
C ARG B 102 -20.71 11.88 -7.09
N ASP B 103 -21.90 12.30 -7.52
CA ASP B 103 -22.01 13.45 -8.41
C ASP B 103 -21.56 14.75 -7.76
N GLU B 104 -21.80 14.91 -6.47
CA GLU B 104 -21.41 16.11 -5.76
C GLU B 104 -19.91 16.36 -5.75
N GLY B 105 -19.14 15.33 -6.07
CA GLY B 105 -17.69 15.48 -6.08
C GLY B 105 -17.21 16.32 -7.25
N LYS B 106 -18.13 16.67 -8.14
CA LYS B 106 -17.80 17.47 -9.32
C LYS B 106 -17.41 18.91 -9.02
N CYS B 107 -18.08 19.54 -8.06
CA CYS B 107 -17.78 20.93 -7.73
C CYS B 107 -16.32 21.14 -7.32
N VAL B 108 -15.62 20.06 -7.04
CA VAL B 108 -14.21 20.15 -6.64
C VAL B 108 -13.30 19.50 -7.68
N GLU B 109 -12.38 20.31 -8.20
CA GLU B 109 -11.44 19.85 -9.20
C GLU B 109 -10.62 18.64 -8.75
N GLY B 110 -10.80 17.52 -9.45
CA GLY B 110 -10.05 16.31 -9.15
C GLY B 110 -10.47 15.44 -7.97
N ILE B 111 -11.53 15.81 -7.27
CA ILE B 111 -11.97 14.99 -6.14
C ILE B 111 -12.88 13.85 -6.58
N LEU B 112 -13.56 14.03 -7.71
CA LEU B 112 -14.46 13.00 -8.22
C LEU B 112 -13.73 11.67 -8.28
N GLU B 113 -12.52 11.71 -8.84
CA GLU B 113 -11.70 10.53 -9.00
C GLU B 113 -11.54 9.80 -7.66
N ILE B 114 -11.17 10.56 -6.66
CA ILE B 114 -10.94 10.03 -5.34
C ILE B 114 -12.23 9.42 -4.76
N PHE B 115 -13.36 10.09 -5.01
CA PHE B 115 -14.69 9.61 -4.52
C PHE B 115 -15.00 8.26 -5.17
N ASP B 116 -14.69 8.16 -6.46
CA ASP B 116 -14.91 6.95 -7.23
C ASP B 116 -14.22 5.78 -6.55
N MET B 117 -12.91 5.92 -6.31
CA MET B 117 -12.17 4.83 -5.68
C MET B 117 -12.59 4.56 -4.24
N LEU B 118 -12.98 5.60 -3.51
CA LEU B 118 -13.43 5.40 -2.13
C LEU B 118 -14.68 4.52 -2.19
N LEU B 119 -15.61 4.89 -3.07
CA LEU B 119 -16.83 4.13 -3.25
C LEU B 119 -16.53 2.71 -3.72
N ALA B 120 -15.63 2.58 -4.69
CA ALA B 120 -15.26 1.27 -5.21
C ALA B 120 -14.70 0.37 -4.13
N THR B 121 -13.79 0.90 -3.30
CA THR B 121 -13.21 0.10 -2.25
C THR B 121 -14.27 -0.24 -1.21
N THR B 122 -15.16 0.70 -0.94
CA THR B 122 -16.22 0.47 0.01
C THR B 122 -17.10 -0.69 -0.47
N SER B 123 -17.41 -0.70 -1.77
CA SER B 123 -18.21 -1.79 -2.33
C SER B 123 -17.51 -3.12 -2.17
N ARG B 124 -16.20 -3.12 -2.33
CA ARG B 124 -15.45 -4.35 -2.17
C ARG B 124 -15.63 -4.88 -0.75
N PHE B 125 -15.55 -3.98 0.22
CA PHE B 125 -15.73 -4.38 1.62
C PHE B 125 -17.15 -4.89 1.80
N ARG B 126 -18.09 -4.27 1.11
CA ARG B 126 -19.49 -4.67 1.15
C ARG B 126 -19.59 -6.09 0.60
N GLU B 127 -18.97 -6.29 -0.57
CA GLU B 127 -18.95 -7.59 -1.24
C GLU B 127 -18.35 -8.67 -0.33
N LEU B 128 -17.34 -8.31 0.46
CA LEU B 128 -16.69 -9.23 1.38
C LEU B 128 -17.48 -9.35 2.69
N LYS B 129 -18.47 -8.48 2.85
CA LYS B 129 -19.28 -8.49 4.05
C LYS B 129 -18.41 -8.30 5.30
N LEU B 130 -17.60 -7.25 5.27
CA LEU B 130 -16.71 -6.90 6.37
C LEU B 130 -17.52 -6.71 7.65
N GLN B 131 -17.05 -7.27 8.76
CA GLN B 131 -17.74 -7.14 10.04
C GLN B 131 -17.08 -6.08 10.93
N HIS B 132 -17.87 -5.50 11.81
CA HIS B 132 -17.40 -4.47 12.72
C HIS B 132 -16.11 -4.86 13.43
N LYS B 133 -16.07 -6.05 14.01
CA LYS B 133 -14.87 -6.50 14.72
C LYS B 133 -13.64 -6.62 13.82
N GLU B 134 -13.85 -7.02 12.58
CA GLU B 134 -12.73 -7.14 11.64
C GLU B 134 -12.25 -5.72 11.33
N TYR B 135 -13.23 -4.85 11.08
CA TYR B 135 -12.97 -3.42 10.81
C TYR B 135 -12.06 -2.84 11.91
N LEU B 136 -12.48 -2.99 13.17
CA LEU B 136 -11.71 -2.48 14.31
C LEU B 136 -10.25 -2.91 14.27
N CYS B 137 -10.03 -4.20 14.05
CA CYS B 137 -8.67 -4.73 13.99
C CYS B 137 -7.87 -4.15 12.83
N VAL B 138 -8.48 -4.14 11.65
CA VAL B 138 -7.83 -3.63 10.44
C VAL B 138 -7.41 -2.17 10.58
N LYS B 139 -8.31 -1.32 11.09
CA LYS B 139 -8.01 0.09 11.26
C LYS B 139 -6.80 0.29 12.16
N ALA B 140 -6.70 -0.53 13.21
CA ALA B 140 -5.58 -0.43 14.13
C ALA B 140 -4.31 -0.95 13.46
N MET B 141 -4.44 -1.98 12.63
CA MET B 141 -3.30 -2.54 11.94
C MET B 141 -2.73 -1.49 10.98
N ILE B 142 -3.60 -0.70 10.38
CA ILE B 142 -3.19 0.36 9.48
C ILE B 142 -2.22 1.28 10.24
N LEU B 143 -2.62 1.69 11.44
CA LEU B 143 -1.79 2.56 12.26
C LEU B 143 -0.45 1.93 12.63
N LEU B 144 -0.49 0.71 13.14
CA LEU B 144 0.72 0.02 13.57
C LEU B 144 1.64 -0.46 12.45
N ASN B 145 1.11 -0.66 11.25
CA ASN B 145 1.91 -1.12 10.13
C ASN B 145 2.50 0.04 9.31
N SER B 146 2.16 1.27 9.66
CA SER B 146 2.68 2.41 8.92
C SER B 146 4.10 2.72 9.39
N SER B 147 4.85 1.66 9.68
CA SER B 147 6.24 1.75 10.12
C SER B 147 7.06 2.40 9.02
N MET B 148 6.49 3.47 8.46
CA MET B 148 7.08 4.25 7.39
C MET B 148 7.54 5.55 8.04
N ASP B 159 14.01 -1.90 22.54
CA ASP B 159 13.78 -1.64 21.13
C ASP B 159 12.34 -1.20 20.86
N SER B 160 12.16 0.10 20.64
CA SER B 160 10.82 0.64 20.38
C SER B 160 10.22 -0.03 19.15
N SER B 161 11.05 -0.22 18.13
CA SER B 161 10.62 -0.86 16.90
C SER B 161 10.30 -2.31 17.18
N ARG B 162 11.05 -2.90 18.11
CA ARG B 162 10.82 -4.28 18.49
C ARG B 162 9.44 -4.39 19.11
N LYS B 163 9.13 -3.47 20.02
CA LYS B 163 7.83 -3.45 20.67
C LYS B 163 6.72 -3.19 19.65
N LEU B 164 7.04 -2.45 18.59
CA LEU B 164 6.05 -2.16 17.56
C LEU B 164 5.62 -3.44 16.86
N ALA B 165 6.60 -4.26 16.49
CA ALA B 165 6.31 -5.52 15.83
C ALA B 165 5.35 -6.33 16.70
N HIS B 166 5.66 -6.41 17.99
CA HIS B 166 4.84 -7.16 18.93
C HIS B 166 3.44 -6.58 19.09
N LEU B 167 3.31 -5.26 19.03
CA LEU B 167 2.01 -4.62 19.13
C LEU B 167 1.18 -5.02 17.92
N LEU B 168 1.79 -4.90 16.75
CA LEU B 168 1.11 -5.24 15.51
C LEU B 168 0.69 -6.72 15.45
N ASN B 169 1.52 -7.62 15.98
CA ASN B 169 1.16 -9.03 15.97
C ASN B 169 -0.04 -9.26 16.88
N ALA B 170 -0.09 -8.54 17.99
CA ALA B 170 -1.20 -8.68 18.93
C ALA B 170 -2.52 -8.39 18.22
N VAL B 171 -2.59 -7.27 17.51
CA VAL B 171 -3.81 -6.93 16.80
C VAL B 171 -4.09 -7.94 15.69
N THR B 172 -3.02 -8.43 15.04
CA THR B 172 -3.16 -9.41 13.98
C THR B 172 -3.75 -10.68 14.59
N ASP B 173 -3.27 -11.04 15.77
CA ASP B 173 -3.78 -12.21 16.48
C ASP B 173 -5.27 -12.03 16.71
N ALA B 174 -5.63 -10.82 17.13
CA ALA B 174 -7.02 -10.50 17.41
C ALA B 174 -7.88 -10.64 16.15
N LEU B 175 -7.35 -10.22 15.00
CA LEU B 175 -8.11 -10.33 13.76
C LEU B 175 -8.32 -11.80 13.41
N VAL B 176 -7.29 -12.61 13.60
CA VAL B 176 -7.39 -14.04 13.32
C VAL B 176 -8.49 -14.62 14.21
N TRP B 177 -8.48 -14.22 15.49
CA TRP B 177 -9.47 -14.68 16.45
C TRP B 177 -10.88 -14.35 15.98
N VAL B 178 -11.08 -13.11 15.52
CA VAL B 178 -12.40 -12.69 15.07
C VAL B 178 -12.87 -13.55 13.88
N ILE B 179 -12.01 -13.74 12.89
CA ILE B 179 -12.34 -14.53 11.72
C ILE B 179 -12.60 -16.00 12.10
N ALA B 180 -11.86 -16.50 13.08
CA ALA B 180 -12.04 -17.87 13.54
C ALA B 180 -13.44 -18.01 14.12
N LYS B 181 -13.88 -16.96 14.82
CA LYS B 181 -15.21 -16.96 15.42
C LYS B 181 -16.34 -16.94 14.41
N SER B 182 -16.02 -16.76 13.14
CA SER B 182 -17.05 -16.74 12.12
C SER B 182 -17.48 -18.19 11.83
N GLY B 183 -16.62 -19.13 12.19
CA GLY B 183 -16.93 -20.54 11.98
C GLY B 183 -16.50 -21.17 10.67
N ILE B 184 -16.18 -20.37 9.66
CA ILE B 184 -15.76 -20.93 8.37
C ILE B 184 -14.56 -21.84 8.55
N SER B 185 -14.29 -22.68 7.55
CA SER B 185 -13.16 -23.61 7.61
C SER B 185 -11.83 -22.89 7.71
N SER B 186 -10.82 -23.60 8.19
CA SER B 186 -9.48 -23.04 8.33
C SER B 186 -8.97 -22.48 7.00
N GLN B 187 -9.22 -23.20 5.92
CA GLN B 187 -8.79 -22.78 4.60
C GLN B 187 -9.43 -21.44 4.27
N GLN B 188 -10.73 -21.35 4.54
CA GLN B 188 -11.47 -20.13 4.28
C GLN B 188 -11.09 -19.00 5.21
N GLN B 189 -10.63 -19.32 6.41
CA GLN B 189 -10.20 -18.30 7.35
C GLN B 189 -8.95 -17.61 6.79
N SER B 190 -8.05 -18.42 6.23
CA SER B 190 -6.82 -17.88 5.64
C SER B 190 -7.13 -17.01 4.44
N MET B 191 -8.02 -17.50 3.58
CA MET B 191 -8.39 -16.75 2.39
C MET B 191 -9.03 -15.42 2.77
N ARG B 192 -9.95 -15.46 3.74
CA ARG B 192 -10.61 -14.25 4.18
C ARG B 192 -9.61 -13.25 4.73
N LEU B 193 -8.69 -13.72 5.58
CA LEU B 193 -7.67 -12.85 6.16
C LEU B 193 -6.90 -12.17 5.02
N ALA B 194 -6.50 -12.95 4.02
CA ALA B 194 -5.77 -12.42 2.88
C ALA B 194 -6.60 -11.38 2.14
N ASN B 195 -7.84 -11.74 1.85
CA ASN B 195 -8.73 -10.84 1.11
C ASN B 195 -8.89 -9.50 1.83
N LEU B 196 -9.02 -9.55 3.15
CA LEU B 196 -9.18 -8.32 3.92
C LEU B 196 -7.93 -7.45 3.83
N LEU B 197 -6.78 -8.05 4.07
CA LEU B 197 -5.53 -7.30 4.04
C LEU B 197 -5.12 -6.81 2.65
N MET B 198 -5.50 -7.53 1.60
CA MET B 198 -5.13 -7.10 0.25
C MET B 198 -5.84 -5.82 -0.17
N LEU B 199 -6.84 -5.41 0.63
CA LEU B 199 -7.56 -4.19 0.33
C LEU B 199 -6.87 -2.95 0.91
N LEU B 200 -5.96 -3.16 1.85
CA LEU B 200 -5.23 -2.06 2.47
C LEU B 200 -4.44 -1.26 1.43
N SER B 201 -4.06 -1.91 0.34
CA SER B 201 -3.33 -1.25 -0.73
C SER B 201 -4.25 -0.22 -1.37
N HIS B 202 -5.50 -0.64 -1.59
CA HIS B 202 -6.49 0.21 -2.19
C HIS B 202 -6.84 1.38 -1.29
N VAL B 203 -6.92 1.12 0.01
CA VAL B 203 -7.21 2.18 0.97
C VAL B 203 -6.05 3.16 0.91
N ARG B 204 -4.84 2.64 0.93
CA ARG B 204 -3.64 3.46 0.88
C ARG B 204 -3.58 4.28 -0.41
N HIS B 205 -3.95 3.67 -1.53
CA HIS B 205 -3.92 4.40 -2.80
C HIS B 205 -4.81 5.63 -2.74
N ALA B 206 -6.04 5.47 -2.25
CA ALA B 206 -6.97 6.58 -2.13
C ALA B 206 -6.44 7.61 -1.14
N SER B 207 -5.82 7.12 -0.06
CA SER B 207 -5.27 8.02 0.94
C SER B 207 -4.16 8.86 0.32
N ASN B 208 -3.34 8.25 -0.53
CA ASN B 208 -2.26 8.96 -1.20
C ASN B 208 -2.83 10.07 -2.08
N LYS B 209 -3.80 9.70 -2.91
CA LYS B 209 -4.44 10.65 -3.80
C LYS B 209 -5.10 11.74 -2.96
N GLY B 210 -5.74 11.34 -1.87
CA GLY B 210 -6.40 12.30 -1.00
C GLY B 210 -5.46 13.36 -0.46
N MET B 211 -4.30 12.95 0.05
CA MET B 211 -3.36 13.91 0.58
C MET B 211 -2.67 14.74 -0.48
N GLU B 212 -2.48 14.16 -1.65
CA GLU B 212 -1.86 14.88 -2.75
C GLU B 212 -2.85 15.96 -3.15
N HIS B 213 -4.15 15.63 -3.08
CA HIS B 213 -5.20 16.58 -3.42
C HIS B 213 -5.29 17.69 -2.39
N LEU B 214 -5.17 17.33 -1.13
CA LEU B 214 -5.23 18.29 -0.03
C LEU B 214 -4.03 19.24 -0.09
N LEU B 215 -2.86 18.68 -0.38
CA LEU B 215 -1.66 19.49 -0.47
C LEU B 215 -1.83 20.50 -1.61
N ASN B 216 -2.21 20.01 -2.78
CA ASN B 216 -2.41 20.86 -3.94
C ASN B 216 -3.42 21.96 -3.66
N MET B 217 -4.52 21.62 -3.00
CA MET B 217 -5.54 22.62 -2.67
C MET B 217 -4.98 23.68 -1.74
N LYS B 218 -4.06 23.29 -0.87
CA LYS B 218 -3.47 24.25 0.06
C LYS B 218 -2.66 25.29 -0.72
N CYS B 219 -1.83 24.82 -1.64
CA CYS B 219 -1.01 25.71 -2.46
C CYS B 219 -1.89 26.64 -3.29
N LYS B 220 -3.10 26.17 -3.60
CA LYS B 220 -4.05 26.95 -4.39
C LYS B 220 -4.85 27.96 -3.57
N ASN B 221 -4.72 27.90 -2.25
CA ASN B 221 -5.44 28.81 -1.36
C ASN B 221 -6.94 28.56 -1.42
N VAL B 222 -7.34 27.55 -2.18
CA VAL B 222 -8.76 27.20 -2.34
C VAL B 222 -9.50 27.15 -1.00
N VAL B 223 -8.74 26.94 0.07
CA VAL B 223 -9.31 26.85 1.41
C VAL B 223 -8.20 26.94 2.45
N PRO B 224 -8.47 27.56 3.63
CA PRO B 224 -7.42 27.65 4.65
C PRO B 224 -7.15 26.32 5.31
N VAL B 225 -5.88 26.07 5.55
CA VAL B 225 -5.47 24.86 6.22
C VAL B 225 -4.18 25.08 6.98
N TYR B 226 -4.18 24.91 8.28
CA TYR B 226 -2.91 25.10 8.90
C TYR B 226 -2.61 24.45 10.22
N ASP B 227 -3.39 24.79 11.21
CA ASP B 227 -3.02 24.37 12.56
C ASP B 227 -2.74 22.92 12.79
N LEU B 228 -3.78 22.13 12.94
CA LEU B 228 -3.56 20.71 13.11
C LEU B 228 -3.36 20.03 11.75
N LEU B 229 -4.28 20.27 10.84
CA LEU B 229 -4.21 19.68 9.52
C LEU B 229 -2.90 20.03 8.82
N LEU B 230 -2.48 21.28 8.98
CA LEU B 230 -1.24 21.72 8.37
C LEU B 230 -0.05 20.91 8.85
N GLU B 231 0.06 20.74 10.17
CA GLU B 231 1.14 19.97 10.75
C GLU B 231 1.17 18.54 10.21
N MET B 232 0.00 17.91 10.22
CA MET B 232 -0.12 16.57 9.70
C MET B 232 0.23 16.56 8.21
N LEU B 233 -0.32 17.51 7.47
CA LEU B 233 -0.06 17.50 6.05
C LEU B 233 1.42 17.38 5.75
N ASN B 234 2.18 18.29 6.34
CA ASN B 234 3.63 18.26 6.15
C ASN B 234 4.55 16.98 6.23
N HIS C 4 2.36 3.35 -27.10
CA HIS C 4 2.07 2.06 -27.82
C HIS C 4 3.10 0.93 -27.60
N LYS C 5 4.23 1.22 -26.94
CA LYS C 5 5.38 0.29 -26.68
C LYS C 5 5.10 -1.01 -25.84
N LEU C 6 4.46 -0.73 -24.72
CA LEU C 6 3.92 -1.70 -23.78
C LEU C 6 2.92 -2.57 -24.61
N VAL C 7 2.04 -1.93 -25.38
CA VAL C 7 1.07 -2.67 -26.19
C VAL C 7 1.71 -3.58 -27.23
N GLN C 8 2.74 -3.12 -27.93
CA GLN C 8 3.35 -4.00 -28.92
C GLN C 8 3.99 -5.23 -28.25
N LEU C 9 4.58 -5.04 -27.07
CA LEU C 9 5.21 -6.14 -26.36
C LEU C 9 4.14 -7.08 -25.76
N LEU C 10 2.98 -6.53 -25.46
CA LEU C 10 1.89 -7.35 -24.93
C LEU C 10 1.28 -8.17 -26.06
N THR C 11 1.45 -7.70 -27.30
CA THR C 11 0.87 -8.40 -28.45
C THR C 11 1.87 -9.05 -29.41
N THR C 12 3.06 -9.37 -28.92
CA THR C 12 4.09 -10.02 -29.73
C THR C 12 4.88 -10.94 -28.82
N THR C 13 5.61 -11.89 -29.40
CA THR C 13 6.41 -12.84 -28.62
C THR C 13 7.86 -12.86 -29.11
N HIS D 4 3.72 20.69 17.65
CA HIS D 4 3.09 21.13 18.92
C HIS D 4 1.71 20.54 19.06
N LYS D 5 0.83 20.87 18.12
CA LYS D 5 -0.52 20.35 18.16
C LYS D 5 -0.53 18.83 18.36
N LEU D 6 0.15 18.13 17.47
CA LEU D 6 0.23 16.68 17.55
C LEU D 6 0.88 16.24 18.87
N VAL D 7 2.06 16.76 19.14
CA VAL D 7 2.78 16.42 20.35
C VAL D 7 1.96 16.76 21.61
N GLN D 8 1.26 17.89 21.57
CA GLN D 8 0.43 18.30 22.71
C GLN D 8 -0.68 17.29 22.98
N LEU D 9 -1.41 16.95 21.92
CA LEU D 9 -2.52 16.02 22.02
C LEU D 9 -2.08 14.63 22.49
N LEU D 10 -0.89 14.23 22.08
CA LEU D 10 -0.34 12.94 22.45
C LEU D 10 0.14 12.86 23.90
N THR D 11 0.78 13.92 24.38
CA THR D 11 1.33 13.94 25.73
C THR D 11 0.70 14.87 26.76
N THR D 12 0.13 15.98 26.30
CA THR D 12 -0.48 16.99 27.17
C THR D 12 -1.97 16.75 27.44
N THR D 13 -2.62 16.04 26.54
CA THR D 13 -4.03 15.76 26.64
C THR D 13 -4.28 14.34 27.15
#